data_2MAA
#
_entry.id   2MAA
#
_entity_poly.entity_id   1
_entity_poly.type   'polypeptide(L)'
_entity_poly.pdbx_seq_one_letter_code
;FLPLIGRVLSGIL
;
_entity_poly.pdbx_strand_id   A
#
# COMPACT_ATOMS: atom_id res chain seq x y z
N PHE A 1 8.62 8.15 -4.82
CA PHE A 1 8.12 7.24 -3.80
C PHE A 1 7.23 6.15 -4.41
N LEU A 2 6.83 5.19 -3.59
CA LEU A 2 5.98 4.10 -4.05
C LEU A 2 4.58 4.21 -3.48
N PRO A 3 3.59 4.46 -4.37
CA PRO A 3 2.19 4.60 -3.97
C PRO A 3 1.58 3.27 -3.51
N LEU A 4 2.40 2.22 -3.53
CA LEU A 4 1.94 0.90 -3.11
C LEU A 4 2.24 0.66 -1.63
N ILE A 5 3.25 1.36 -1.12
CA ILE A 5 3.62 1.22 0.29
C ILE A 5 2.56 1.81 1.20
N GLY A 6 1.95 2.92 0.77
CA GLY A 6 0.92 3.56 1.56
C GLY A 6 -0.43 2.90 1.40
N ARG A 7 -0.55 2.05 0.39
CA ARG A 7 -1.80 1.35 0.13
C ARG A 7 -1.76 -0.08 0.66
N VAL A 8 -0.58 -0.68 0.65
CA VAL A 8 -0.40 -2.05 1.14
C VAL A 8 -1.07 -2.23 2.48
N LEU A 9 -1.12 -1.15 3.27
CA LEU A 9 -1.74 -1.20 4.59
C LEU A 9 -3.16 -1.76 4.51
N SER A 10 -3.91 -1.32 3.51
CA SER A 10 -5.28 -1.77 3.32
C SER A 10 -5.36 -2.81 2.20
N GLY A 11 -4.47 -2.68 1.22
CA GLY A 11 -4.45 -3.60 0.10
C GLY A 11 -4.08 -5.01 0.52
N ILE A 12 -3.34 -5.13 1.61
CA ILE A 12 -2.93 -6.42 2.12
C ILE A 12 -4.04 -7.10 2.91
N LEU A 13 -4.89 -6.29 3.52
CA LEU A 13 -6.00 -6.80 4.33
C LEU A 13 -5.51 -7.83 5.34
N PHE A 1 8.54 8.20 -5.18
CA PHE A 1 8.06 7.32 -4.12
C PHE A 1 7.19 6.21 -4.71
N LEU A 2 6.80 5.26 -3.86
CA LEU A 2 5.98 4.13 -4.29
C LEU A 2 4.57 4.25 -3.72
N PRO A 3 3.58 4.44 -4.61
CA PRO A 3 2.18 4.57 -4.21
C PRO A 3 1.60 3.25 -3.71
N LEU A 4 2.42 2.21 -3.70
CA LEU A 4 2.00 0.89 -3.24
C LEU A 4 2.30 0.69 -1.76
N ILE A 5 3.29 1.43 -1.27
CA ILE A 5 3.68 1.34 0.14
C ILE A 5 2.60 1.94 1.04
N GLY A 6 1.98 3.01 0.58
CA GLY A 6 0.94 3.66 1.36
C GLY A 6 -0.40 2.97 1.22
N ARG A 7 -0.51 2.09 0.23
CA ARG A 7 -1.75 1.37 -0.02
C ARG A 7 -1.68 -0.05 0.56
N VAL A 8 -0.49 -0.63 0.55
CA VAL A 8 -0.29 -1.98 1.09
C VAL A 8 -0.96 -2.13 2.45
N LEU A 9 -1.02 -1.04 3.20
CA LEU A 9 -1.65 -1.06 4.51
C LEU A 9 -3.05 -1.64 4.46
N SER A 10 -3.80 -1.24 3.44
CA SER A 10 -5.17 -1.73 3.27
C SER A 10 -5.23 -2.79 2.17
N GLY A 11 -4.34 -2.67 1.19
CA GLY A 11 -4.32 -3.62 0.09
C GLY A 11 -3.92 -5.02 0.55
N ILE A 12 -3.18 -5.09 1.65
CA ILE A 12 -2.74 -6.38 2.19
C ILE A 12 -3.84 -7.04 3.01
N LEU A 13 -4.70 -6.22 3.60
CA LEU A 13 -5.80 -6.73 4.41
C LEU A 13 -5.30 -7.72 5.46
N PHE A 1 8.41 8.50 -4.46
CA PHE A 1 7.90 7.54 -3.48
C PHE A 1 7.10 6.44 -4.16
N LEU A 2 6.69 5.43 -3.38
CA LEU A 2 5.92 4.32 -3.91
C LEU A 2 4.48 4.37 -3.40
N PRO A 3 3.53 4.59 -4.33
CA PRO A 3 2.11 4.66 -3.99
C PRO A 3 1.54 3.30 -3.60
N LEU A 4 2.40 2.28 -3.59
CA LEU A 4 1.97 0.93 -3.23
C LEU A 4 2.21 0.67 -1.75
N ILE A 5 3.16 1.39 -1.17
CA ILE A 5 3.48 1.24 0.24
C ILE A 5 2.35 1.76 1.12
N GLY A 6 1.72 2.84 0.69
CA GLY A 6 0.63 3.42 1.45
C GLY A 6 -0.68 2.71 1.20
N ARG A 7 -0.73 1.88 0.17
CA ARG A 7 -1.93 1.14 -0.17
C ARG A 7 -1.85 -0.30 0.34
N VAL A 8 -0.65 -0.84 0.35
CA VAL A 8 -0.44 -2.21 0.82
C VAL A 8 -1.16 -2.46 2.14
N LEU A 9 -1.29 -1.41 2.94
CA LEU A 9 -1.96 -1.52 4.23
C LEU A 9 -3.35 -2.13 4.07
N SER A 10 -4.08 -1.69 3.04
CA SER A 10 -5.41 -2.20 2.78
C SER A 10 -5.40 -3.21 1.63
N GLY A 11 -4.47 -3.01 0.70
CA GLY A 11 -4.37 -3.91 -0.44
C GLY A 11 -3.96 -5.31 -0.04
N ILE A 12 -3.31 -5.43 1.10
CA ILE A 12 -2.87 -6.73 1.60
C ILE A 12 -3.97 -7.44 2.36
N LEU A 13 -4.87 -6.66 2.96
CA LEU A 13 -5.98 -7.22 3.71
C LEU A 13 -6.75 -8.24 2.88
N PHE A 1 8.48 8.39 -4.75
CA PHE A 1 7.97 7.47 -3.74
C PHE A 1 7.18 6.34 -4.39
N LEU A 2 6.77 5.37 -3.58
CA LEU A 2 6.00 4.22 -4.07
C LEU A 2 4.57 4.28 -3.58
N PRO A 3 3.62 4.46 -4.52
CA PRO A 3 2.20 4.54 -4.20
C PRO A 3 1.63 3.19 -3.76
N LEU A 4 2.49 2.19 -3.71
CA LEU A 4 2.07 0.85 -3.30
C LEU A 4 2.30 0.64 -1.81
N ILE A 5 3.24 1.39 -1.25
CA ILE A 5 3.56 1.29 0.17
C ILE A 5 2.41 1.84 1.02
N GLY A 6 1.78 2.90 0.54
CA GLY A 6 0.68 3.50 1.27
C GLY A 6 -0.64 2.77 1.04
N ARG A 7 -0.66 1.90 0.04
CA ARG A 7 -1.86 1.14 -0.29
C ARG A 7 -1.77 -0.27 0.28
N VAL A 8 -0.57 -0.82 0.32
CA VAL A 8 -0.35 -2.16 0.84
C VAL A 8 -1.09 -2.36 2.16
N LEU A 9 -1.23 -1.29 2.92
CA LEU A 9 -1.92 -1.34 4.21
C LEU A 9 -3.31 -1.97 4.06
N SER A 10 -4.02 -1.58 3.00
CA SER A 10 -5.35 -2.11 2.76
C SER A 10 -5.32 -3.15 1.63
N GLY A 11 -4.38 -2.99 0.72
CA GLY A 11 -4.26 -3.92 -0.40
C GLY A 11 -3.85 -5.31 0.06
N ILE A 12 -3.21 -5.39 1.23
CA ILE A 12 -2.76 -6.67 1.77
C ILE A 12 -3.88 -7.35 2.54
N LEU A 13 -4.78 -6.55 3.11
CA LEU A 13 -5.90 -7.09 3.87
C LEU A 13 -6.65 -8.14 3.07
N PHE A 1 8.37 8.46 -4.63
CA PHE A 1 7.87 7.52 -3.64
C PHE A 1 7.06 6.41 -4.29
N LEU A 2 6.66 5.42 -3.49
CA LEU A 2 5.89 4.29 -4.00
C LEU A 2 4.46 4.34 -3.47
N PRO A 3 3.50 4.54 -4.39
CA PRO A 3 2.08 4.62 -4.04
C PRO A 3 1.52 3.26 -3.61
N LEU A 4 2.37 2.25 -3.60
CA LEU A 4 1.97 0.90 -3.22
C LEU A 4 2.23 0.66 -1.74
N ILE A 5 3.17 1.40 -1.18
CA ILE A 5 3.52 1.27 0.24
C ILE A 5 2.40 1.80 1.12
N GLY A 6 1.76 2.88 0.67
CA GLY A 6 0.67 3.46 1.44
C GLY A 6 -0.65 2.75 1.22
N ARG A 7 -0.69 1.89 0.19
CA ARG A 7 -1.90 1.15 -0.12
C ARG A 7 -1.82 -0.28 0.42
N VAL A 8 -0.60 -0.83 0.43
CA VAL A 8 -0.39 -2.19 0.91
C VAL A 8 -1.11 -2.42 2.24
N LEU A 9 -1.23 -1.36 3.02
CA LEU A 9 -1.90 -1.44 4.32
C LEU A 9 -3.28 -2.08 4.18
N SER A 10 -4.01 -1.66 3.15
CA SER A 10 -5.36 -2.17 2.91
C SER A 10 -5.35 -3.19 1.77
N GLY A 11 -4.41 -3.01 0.83
CA GLY A 11 -4.32 -3.91 -0.31
C GLY A 11 -3.90 -5.31 0.11
N ILE A 12 -3.24 -5.41 1.25
CA ILE A 12 -2.79 -6.71 1.76
C ILE A 12 -3.89 -7.41 2.54
N LEU A 13 -4.78 -6.63 3.13
CA LEU A 13 -5.89 -7.18 3.90
C LEU A 13 -6.66 -8.21 3.09
N PHE A 1 9.01 8.12 -4.45
CA PHE A 1 8.43 7.21 -3.48
C PHE A 1 7.56 6.15 -4.18
N LEU A 2 7.08 5.18 -3.41
CA LEU A 2 6.24 4.12 -3.95
C LEU A 2 4.80 4.26 -3.46
N PRO A 3 3.89 4.54 -4.41
CA PRO A 3 2.46 4.72 -4.10
C PRO A 3 1.80 3.39 -3.71
N LEU A 4 2.58 2.32 -3.70
CA LEU A 4 2.07 1.01 -3.34
C LEU A 4 2.27 0.73 -1.86
N ILE A 5 3.25 1.38 -1.26
CA ILE A 5 3.54 1.20 0.16
C ILE A 5 2.43 1.80 1.02
N GLY A 6 1.89 2.93 0.58
CA GLY A 6 0.82 3.57 1.32
C GLY A 6 -0.53 2.95 1.05
N ARG A 7 -0.62 2.13 0.02
CA ARG A 7 -1.86 1.47 -0.35
C ARG A 7 -1.89 0.03 0.16
N VAL A 8 -0.72 -0.60 0.19
CA VAL A 8 -0.60 -1.98 0.66
C VAL A 8 -1.37 -2.18 1.98
N LEU A 9 -1.44 -1.13 2.78
CA LEU A 9 -2.14 -1.18 4.05
C LEU A 9 -3.57 -1.71 3.87
N SER A 10 -4.24 -1.22 2.83
CA SER A 10 -5.61 -1.65 2.54
C SER A 10 -5.64 -2.64 1.39
N GLY A 11 -4.68 -2.51 0.48
CA GLY A 11 -4.62 -3.40 -0.67
C GLY A 11 -4.32 -4.84 -0.26
N ILE A 12 -3.73 -5.02 0.91
CA ILE A 12 -3.40 -6.35 1.41
C ILE A 12 -4.56 -6.95 2.20
N LEU A 13 -5.37 -6.09 2.80
CA LEU A 13 -6.52 -6.53 3.59
C LEU A 13 -7.53 -5.40 3.77
N PHE A 1 8.48 8.42 -4.36
CA PHE A 1 7.95 7.47 -3.38
C PHE A 1 7.17 6.36 -4.07
N LEU A 2 6.75 5.37 -3.29
CA LEU A 2 6.01 4.24 -3.82
C LEU A 2 4.55 4.28 -3.36
N PRO A 3 3.63 4.48 -4.30
CA PRO A 3 2.20 4.56 -4.01
C PRO A 3 1.62 3.20 -3.60
N LEU A 4 2.48 2.18 -3.58
CA LEU A 4 2.06 0.84 -3.21
C LEU A 4 2.27 0.59 -1.72
N ILE A 5 3.19 1.33 -1.12
CA ILE A 5 3.48 1.20 0.30
C ILE A 5 2.33 1.72 1.15
N GLY A 6 1.70 2.79 0.69
CA GLY A 6 0.59 3.37 1.41
C GLY A 6 -0.71 2.65 1.14
N ARG A 7 -0.72 1.80 0.11
CA ARG A 7 -1.91 1.05 -0.25
C ARG A 7 -1.85 -0.37 0.29
N VAL A 8 -0.63 -0.92 0.34
CA VAL A 8 -0.42 -2.28 0.82
C VAL A 8 -1.18 -2.52 2.13
N LEU A 9 -1.34 -1.45 2.91
CA LEU A 9 -2.05 -1.55 4.19
C LEU A 9 -3.43 -2.18 4.00
N SER A 10 -4.13 -1.76 2.95
CA SER A 10 -5.45 -2.27 2.66
C SER A 10 -5.41 -3.29 1.52
N GLY A 11 -4.45 -3.11 0.61
CA GLY A 11 -4.31 -4.01 -0.51
C GLY A 11 -3.92 -5.41 -0.09
N ILE A 12 -3.34 -5.53 1.10
CA ILE A 12 -2.92 -6.83 1.62
C ILE A 12 -4.04 -7.49 2.41
N LEU A 13 -4.91 -6.67 3.01
CA LEU A 13 -6.02 -7.18 3.79
C LEU A 13 -7.09 -7.79 2.88
N PHE A 1 8.34 8.54 -4.62
CA PHE A 1 7.84 7.60 -3.63
C PHE A 1 7.05 6.48 -4.29
N LEU A 2 6.65 5.49 -3.48
CA LEU A 2 5.89 4.36 -3.98
C LEU A 2 4.45 4.40 -3.48
N PRO A 3 3.50 4.59 -4.42
CA PRO A 3 2.07 4.66 -4.10
C PRO A 3 1.51 3.30 -3.66
N LEU A 4 2.38 2.29 -3.64
CA LEU A 4 1.98 0.95 -3.24
C LEU A 4 2.21 0.72 -1.75
N ILE A 5 3.15 1.47 -1.18
CA ILE A 5 3.48 1.35 0.24
C ILE A 5 2.34 1.89 1.10
N GLY A 6 1.70 2.95 0.63
CA GLY A 6 0.60 3.54 1.38
C GLY A 6 -0.71 2.81 1.15
N ARG A 7 -0.74 1.95 0.14
CA ARG A 7 -1.93 1.18 -0.19
C ARG A 7 -1.84 -0.23 0.36
N VAL A 8 -0.62 -0.78 0.39
CA VAL A 8 -0.40 -2.12 0.90
C VAL A 8 -1.12 -2.34 2.22
N LEU A 9 -1.27 -1.27 2.99
CA LEU A 9 -1.95 -1.34 4.28
C LEU A 9 -3.33 -1.98 4.14
N SER A 10 -4.06 -1.57 3.11
CA SER A 10 -5.39 -2.10 2.86
C SER A 10 -5.37 -3.14 1.73
N GLY A 11 -4.44 -2.97 0.80
CA GLY A 11 -4.32 -3.89 -0.31
C GLY A 11 -3.91 -5.28 0.12
N ILE A 12 -3.26 -5.37 1.27
CA ILE A 12 -2.80 -6.64 1.80
C ILE A 12 -3.91 -7.35 2.58
N LEU A 13 -4.81 -6.55 3.16
CA LEU A 13 -5.92 -7.09 3.93
C LEU A 13 -6.68 -8.15 3.12
N PHE A 1 8.38 8.47 -4.44
CA PHE A 1 7.86 7.52 -3.46
C PHE A 1 7.06 6.41 -4.14
N LEU A 2 6.65 5.42 -3.36
CA LEU A 2 5.89 4.30 -3.90
C LEU A 2 4.43 4.35 -3.41
N PRO A 3 3.50 4.56 -4.34
CA PRO A 3 2.07 4.64 -4.03
C PRO A 3 1.50 3.29 -3.64
N LEU A 4 2.35 2.26 -3.62
CA LEU A 4 1.92 0.92 -3.25
C LEU A 4 2.14 0.66 -1.76
N ILE A 5 3.08 1.39 -1.17
CA ILE A 5 3.39 1.25 0.24
C ILE A 5 2.25 1.78 1.11
N GLY A 6 1.63 2.87 0.66
CA GLY A 6 0.52 3.44 1.39
C GLY A 6 -0.80 2.74 1.14
N ARG A 7 -0.82 1.90 0.11
CA ARG A 7 -2.02 1.15 -0.24
C ARG A 7 -1.95 -0.28 0.28
N VAL A 8 -0.74 -0.83 0.31
CA VAL A 8 -0.53 -2.19 0.80
C VAL A 8 -1.27 -2.43 2.11
N LEU A 9 -1.42 -1.36 2.90
CA LEU A 9 -2.12 -1.46 4.18
C LEU A 9 -3.50 -2.07 4.01
N SER A 10 -4.22 -1.65 2.97
CA SER A 10 -5.55 -2.15 2.71
C SER A 10 -5.53 -3.16 1.55
N GLY A 11 -4.58 -2.99 0.64
CA GLY A 11 -4.47 -3.88 -0.49
C GLY A 11 -4.08 -5.29 -0.08
N ILE A 12 -3.44 -5.40 1.08
CA ILE A 12 -3.00 -6.70 1.59
C ILE A 12 -4.13 -7.40 2.34
N LEU A 13 -5.03 -6.61 2.93
CA LEU A 13 -6.15 -7.16 3.67
C LEU A 13 -6.92 -8.18 2.84
N PHE A 1 8.37 8.59 -4.42
CA PHE A 1 7.86 7.64 -3.43
C PHE A 1 7.12 6.50 -4.11
N LEU A 2 6.71 5.51 -3.31
CA LEU A 2 5.99 4.36 -3.83
C LEU A 2 4.53 4.38 -3.38
N PRO A 3 3.61 4.55 -4.34
CA PRO A 3 2.18 4.60 -4.06
C PRO A 3 1.63 3.23 -3.65
N LEU A 4 2.50 2.24 -3.59
CA LEU A 4 2.10 0.89 -3.21
C LEU A 4 2.29 0.67 -1.72
N ILE A 5 3.20 1.43 -1.12
CA ILE A 5 3.47 1.33 0.31
C ILE A 5 2.30 1.84 1.13
N GLY A 6 1.66 2.90 0.65
CA GLY A 6 0.53 3.48 1.35
C GLY A 6 -0.77 2.74 1.07
N ARG A 7 -0.75 1.88 0.05
CA ARG A 7 -1.92 1.10 -0.33
C ARG A 7 -1.84 -0.31 0.23
N VAL A 8 -0.62 -0.84 0.31
CA VAL A 8 -0.39 -2.19 0.81
C VAL A 8 -1.17 -2.42 2.10
N LEU A 9 -1.36 -1.35 2.88
CA LEU A 9 -2.09 -1.44 4.14
C LEU A 9 -3.45 -2.08 3.94
N SER A 10 -4.13 -1.69 2.88
CA SER A 10 -5.46 -2.22 2.58
C SER A 10 -5.38 -3.25 1.45
N GLY A 11 -4.42 -3.07 0.56
CA GLY A 11 -4.26 -3.99 -0.55
C GLY A 11 -3.85 -5.38 -0.10
N ILE A 12 -3.23 -5.46 1.07
CA ILE A 12 -2.80 -6.75 1.62
C ILE A 12 -3.93 -7.45 2.35
N LEU A 13 -4.85 -6.67 2.90
CA LEU A 13 -5.99 -7.22 3.63
C LEU A 13 -6.71 -8.27 2.80
N PHE A 1 8.51 8.27 -4.92
CA PHE A 1 8.02 7.36 -3.90
C PHE A 1 7.14 6.27 -4.50
N LEU A 2 6.74 5.31 -3.68
CA LEU A 2 5.90 4.21 -4.14
C LEU A 2 4.50 4.33 -3.57
N PRO A 3 3.52 4.56 -4.45
CA PRO A 3 2.11 4.69 -4.07
C PRO A 3 1.51 3.37 -3.60
N LEU A 4 2.32 2.32 -3.61
CA LEU A 4 1.87 1.00 -3.20
C LEU A 4 2.17 0.76 -1.72
N ILE A 5 3.17 1.46 -1.21
CA ILE A 5 3.56 1.33 0.19
C ILE A 5 2.49 1.91 1.11
N GLY A 6 1.88 3.01 0.68
CA GLY A 6 0.85 3.65 1.48
C GLY A 6 -0.51 2.98 1.32
N ARG A 7 -0.63 2.13 0.31
CA ARG A 7 -1.87 1.42 0.04
C ARG A 7 -1.82 0.00 0.59
N VAL A 8 -0.63 -0.60 0.55
CA VAL A 8 -0.44 -1.96 1.05
C VAL A 8 -1.11 -2.15 2.41
N LEU A 9 -1.17 -1.06 3.18
CA LEU A 9 -1.78 -1.11 4.51
C LEU A 9 -3.20 -1.68 4.44
N SER A 10 -3.95 -1.24 3.43
CA SER A 10 -5.33 -1.70 3.26
C SER A 10 -5.41 -2.73 2.13
N GLY A 11 -4.52 -2.60 1.15
CA GLY A 11 -4.51 -3.53 0.04
C GLY A 11 -4.14 -4.94 0.46
N ILE A 12 -3.40 -5.05 1.55
CA ILE A 12 -2.97 -6.35 2.06
C ILE A 12 -4.09 -7.02 2.86
N LEU A 13 -4.94 -6.21 3.47
CA LEU A 13 -6.04 -6.72 4.28
C LEU A 13 -5.55 -7.74 5.30
N PHE A 1 8.43 8.54 -4.40
CA PHE A 1 7.89 7.59 -3.42
C PHE A 1 7.11 6.48 -4.11
N LEU A 2 6.70 5.48 -3.32
CA LEU A 2 5.94 4.35 -3.86
C LEU A 2 4.49 4.40 -3.39
N PRO A 3 3.56 4.61 -4.33
CA PRO A 3 2.13 4.68 -4.03
C PRO A 3 1.56 3.33 -3.64
N LEU A 4 2.41 2.31 -3.61
CA LEU A 4 2.00 0.96 -3.24
C LEU A 4 2.19 0.71 -1.75
N ILE A 5 3.13 1.44 -1.15
CA ILE A 5 3.43 1.30 0.27
C ILE A 5 2.27 1.83 1.11
N GLY A 6 1.65 2.91 0.66
CA GLY A 6 0.54 3.49 1.39
C GLY A 6 -0.77 2.77 1.12
N ARG A 7 -0.77 1.93 0.10
CA ARG A 7 -1.98 1.18 -0.26
C ARG A 7 -1.90 -0.25 0.27
N VAL A 8 -0.69 -0.80 0.32
CA VAL A 8 -0.48 -2.16 0.80
C VAL A 8 -1.23 -2.39 2.10
N LEU A 9 -1.39 -1.34 2.89
CA LEU A 9 -2.09 -1.42 4.16
C LEU A 9 -3.47 -2.05 3.99
N SER A 10 -4.17 -1.63 2.94
CA SER A 10 -5.51 -2.15 2.66
C SER A 10 -5.47 -3.16 1.52
N GLY A 11 -4.53 -2.97 0.62
CA GLY A 11 -4.39 -3.88 -0.51
C GLY A 11 -3.99 -5.27 -0.10
N ILE A 12 -3.36 -5.38 1.07
CA ILE A 12 -2.93 -6.68 1.58
C ILE A 12 -4.05 -7.38 2.32
N LEU A 13 -4.96 -6.59 2.90
CA LEU A 13 -6.09 -7.15 3.64
C LEU A 13 -6.84 -8.18 2.81
N PHE A 1 8.51 8.45 -4.78
CA PHE A 1 8.03 7.49 -3.78
C PHE A 1 7.19 6.40 -4.43
N LEU A 2 6.81 5.40 -3.65
CA LEU A 2 5.99 4.30 -4.14
C LEU A 2 4.58 4.37 -3.56
N PRO A 3 3.59 4.61 -4.45
CA PRO A 3 2.18 4.70 -4.05
C PRO A 3 1.61 3.35 -3.63
N LEU A 4 2.44 2.32 -3.67
CA LEU A 4 2.03 0.97 -3.30
C LEU A 4 2.34 0.69 -1.84
N ILE A 5 3.32 1.39 -1.30
CA ILE A 5 3.71 1.22 0.09
C ILE A 5 2.63 1.75 1.03
N GLY A 6 2.00 2.85 0.64
CA GLY A 6 0.95 3.44 1.46
C GLY A 6 -0.38 2.75 1.27
N ARG A 7 -0.49 1.92 0.24
CA ARG A 7 -1.72 1.20 -0.05
C ARG A 7 -1.63 -0.24 0.45
N VAL A 8 -0.44 -0.81 0.39
CA VAL A 8 -0.22 -2.18 0.84
C VAL A 8 -0.88 -2.43 2.19
N LEU A 9 -0.96 -1.38 3.01
CA LEU A 9 -1.57 -1.48 4.33
C LEU A 9 -2.97 -2.06 4.24
N SER A 10 -3.74 -1.61 3.25
CA SER A 10 -5.10 -2.09 3.06
C SER A 10 -5.17 -3.08 1.91
N GLY A 11 -4.28 -2.92 0.93
CA GLY A 11 -4.25 -3.80 -0.22
C GLY A 11 -3.85 -5.22 0.16
N ILE A 12 -3.14 -5.36 1.27
CA ILE A 12 -2.70 -6.67 1.74
C ILE A 12 -3.78 -7.36 2.54
N LEU A 13 -4.63 -6.57 3.20
CA LEU A 13 -5.71 -7.10 4.00
C LEU A 13 -6.54 -8.10 3.21
N PHE A 1 8.64 8.37 -4.56
CA PHE A 1 8.15 7.42 -3.58
C PHE A 1 7.33 6.32 -4.24
N LEU A 2 6.94 5.32 -3.46
CA LEU A 2 6.14 4.21 -3.98
C LEU A 2 4.72 4.26 -3.45
N PRO A 3 3.76 4.49 -4.36
CA PRO A 3 2.33 4.57 -4.02
C PRO A 3 1.76 3.22 -3.62
N LEU A 4 2.61 2.20 -3.63
CA LEU A 4 2.19 0.85 -3.26
C LEU A 4 2.44 0.58 -1.78
N ILE A 5 3.40 1.30 -1.21
CA ILE A 5 3.73 1.14 0.20
C ILE A 5 2.61 1.67 1.09
N GLY A 6 1.99 2.77 0.66
CA GLY A 6 0.91 3.36 1.44
C GLY A 6 -0.42 2.67 1.20
N ARG A 7 -0.47 1.84 0.16
CA ARG A 7 -1.69 1.12 -0.17
C ARG A 7 -1.63 -0.32 0.33
N VAL A 8 -0.42 -0.89 0.33
CA VAL A 8 -0.23 -2.26 0.80
C VAL A 8 -0.95 -2.50 2.12
N LEU A 9 -1.06 -1.45 2.92
CA LEU A 9 -1.72 -1.54 4.22
C LEU A 9 -3.11 -2.13 4.08
N SER A 10 -3.85 -1.68 3.05
CA SER A 10 -5.19 -2.16 2.80
C SER A 10 -5.21 -3.16 1.66
N GLY A 11 -4.29 -3.00 0.72
CA GLY A 11 -4.21 -3.89 -0.41
C GLY A 11 -3.83 -5.32 -0.02
N ILE A 12 -3.17 -5.44 1.12
CA ILE A 12 -2.75 -6.75 1.61
C ILE A 12 -3.86 -7.43 2.39
N LEU A 13 -4.74 -6.63 2.99
CA LEU A 13 -5.86 -7.16 3.77
C LEU A 13 -6.65 -8.17 2.95
N PHE A 1 8.67 8.24 -4.51
CA PHE A 1 8.17 7.27 -3.54
C PHE A 1 7.29 6.22 -4.22
N LEU A 2 6.88 5.21 -3.46
CA LEU A 2 6.04 4.15 -3.99
C LEU A 2 4.63 4.23 -3.41
N PRO A 3 3.65 4.52 -4.29
CA PRO A 3 2.25 4.63 -3.89
C PRO A 3 1.64 3.28 -3.51
N LEU A 4 2.45 2.24 -3.58
CA LEU A 4 2.00 0.89 -3.24
C LEU A 4 2.30 0.57 -1.77
N ILE A 5 3.31 1.23 -1.22
CA ILE A 5 3.68 1.02 0.17
C ILE A 5 2.61 1.55 1.11
N GLY A 6 2.00 2.67 0.75
CA GLY A 6 0.97 3.27 1.58
C GLY A 6 -0.38 2.62 1.36
N ARG A 7 -0.49 1.81 0.31
CA ARG A 7 -1.74 1.13 0.00
C ARG A 7 -1.70 -0.33 0.45
N VAL A 8 -0.51 -0.91 0.43
CA VAL A 8 -0.34 -2.30 0.84
C VAL A 8 -1.04 -2.58 2.16
N LEU A 9 -1.10 -1.56 3.01
CA LEU A 9 -1.75 -1.69 4.31
C LEU A 9 -3.18 -2.19 4.16
N SER A 10 -3.88 -1.70 3.14
CA SER A 10 -5.25 -2.10 2.88
C SER A 10 -5.33 -3.08 1.72
N GLY A 11 -4.40 -2.96 0.79
CA GLY A 11 -4.37 -3.83 -0.37
C GLY A 11 -4.02 -5.27 0.01
N ILE A 12 -3.35 -5.44 1.14
CA ILE A 12 -2.96 -6.76 1.60
C ILE A 12 -4.09 -7.43 2.39
N LEU A 13 -4.93 -6.60 3.02
CA LEU A 13 -6.06 -7.11 3.79
C LEU A 13 -6.89 -8.09 2.97
N PHE A 1 8.66 8.35 -4.34
CA PHE A 1 8.15 7.38 -3.37
C PHE A 1 7.32 6.31 -4.08
N LEU A 2 6.91 5.30 -3.32
CA LEU A 2 6.12 4.21 -3.86
C LEU A 2 4.69 4.26 -3.33
N PRO A 3 3.73 4.51 -4.23
CA PRO A 3 2.31 4.59 -3.88
C PRO A 3 1.73 3.23 -3.50
N LEU A 4 2.57 2.21 -3.54
CA LEU A 4 2.14 0.85 -3.20
C LEU A 4 2.41 0.55 -1.74
N ILE A 5 3.38 1.24 -1.15
CA ILE A 5 3.72 1.06 0.25
C ILE A 5 2.61 1.56 1.16
N GLY A 6 1.99 2.66 0.77
CA GLY A 6 0.91 3.24 1.56
C GLY A 6 -0.42 2.55 1.31
N ARG A 7 -0.48 1.73 0.27
CA ARG A 7 -1.70 1.02 -0.08
C ARG A 7 -1.63 -0.43 0.38
N VAL A 8 -0.43 -0.99 0.40
CA VAL A 8 -0.23 -2.36 0.83
C VAL A 8 -0.94 -2.65 2.14
N LEU A 9 -1.07 -1.62 2.97
CA LEU A 9 -1.74 -1.75 4.26
C LEU A 9 -3.16 -2.28 4.08
N SER A 10 -3.84 -1.81 3.04
CA SER A 10 -5.21 -2.24 2.76
C SER A 10 -5.24 -3.24 1.61
N GLY A 11 -4.28 -3.11 0.70
CA GLY A 11 -4.22 -4.01 -0.44
C GLY A 11 -3.85 -5.42 -0.04
N ILE A 12 -3.20 -5.57 1.11
CA ILE A 12 -2.80 -6.88 1.61
C ILE A 12 -3.94 -7.54 2.38
N LEU A 13 -4.80 -6.74 2.97
CA LEU A 13 -5.93 -7.25 3.73
C LEU A 13 -6.74 -8.25 2.91
N PHE A 1 8.59 8.42 -4.46
CA PHE A 1 8.10 7.44 -3.50
C PHE A 1 7.24 6.40 -4.19
N LEU A 2 6.84 5.37 -3.45
CA LEU A 2 6.00 4.30 -3.99
C LEU A 2 4.59 4.37 -3.40
N PRO A 3 3.60 4.66 -4.26
CA PRO A 3 2.20 4.76 -3.86
C PRO A 3 1.61 3.40 -3.49
N LEU A 4 2.43 2.36 -3.58
CA LEU A 4 1.99 1.01 -3.26
C LEU A 4 2.30 0.67 -1.80
N ILE A 5 3.30 1.33 -1.25
CA ILE A 5 3.70 1.10 0.14
C ILE A 5 2.62 1.61 1.11
N GLY A 6 2.01 2.73 0.76
CA GLY A 6 0.97 3.31 1.60
C GLY A 6 -0.37 2.65 1.39
N ARG A 7 -0.48 1.86 0.33
CA ARG A 7 -1.73 1.17 0.01
C ARG A 7 -1.67 -0.29 0.44
N VAL A 8 -0.47 -0.86 0.39
CA VAL A 8 -0.29 -2.26 0.78
C VAL A 8 -0.98 -2.56 2.11
N LEU A 9 -1.05 -1.56 2.97
CA LEU A 9 -1.69 -1.71 4.27
C LEU A 9 -3.12 -2.23 4.13
N SER A 10 -3.83 -1.72 3.11
CA SER A 10 -5.21 -2.13 2.87
C SER A 10 -5.27 -3.09 1.69
N GLY A 11 -4.34 -2.95 0.75
CA GLY A 11 -4.32 -3.81 -0.41
C GLY A 11 -3.97 -5.24 -0.06
N ILE A 12 -3.29 -5.42 1.06
CA ILE A 12 -2.89 -6.75 1.50
C ILE A 12 -4.01 -7.44 2.28
N LEU A 13 -4.84 -6.63 2.92
CA LEU A 13 -5.96 -7.15 3.71
C LEU A 13 -6.80 -8.12 2.87
N PHE A 1 8.68 8.26 -4.54
CA PHE A 1 8.18 7.30 -3.57
C PHE A 1 7.28 6.26 -4.25
N LEU A 2 6.87 5.24 -3.49
CA LEU A 2 6.02 4.19 -4.01
C LEU A 2 4.62 4.29 -3.43
N PRO A 3 3.63 4.59 -4.29
CA PRO A 3 2.23 4.71 -3.88
C PRO A 3 1.61 3.36 -3.50
N LEU A 4 2.42 2.31 -3.58
CA LEU A 4 1.96 0.97 -3.24
C LEU A 4 2.26 0.63 -1.79
N ILE A 5 3.28 1.29 -1.24
CA ILE A 5 3.67 1.07 0.16
C ILE A 5 2.61 1.60 1.11
N GLY A 6 2.02 2.74 0.75
CA GLY A 6 0.99 3.33 1.60
C GLY A 6 -0.37 2.70 1.39
N ARG A 7 -0.50 1.90 0.34
CA ARG A 7 -1.76 1.23 0.02
C ARG A 7 -1.72 -0.23 0.48
N VAL A 8 -0.54 -0.82 0.44
CA VAL A 8 -0.37 -2.22 0.84
C VAL A 8 -1.07 -2.49 2.16
N LEU A 9 -1.12 -1.48 3.01
CA LEU A 9 -1.75 -1.61 4.33
C LEU A 9 -3.19 -2.10 4.18
N SER A 10 -3.89 -1.60 3.16
CA SER A 10 -5.27 -1.98 2.92
C SER A 10 -5.37 -2.96 1.75
N GLY A 11 -4.44 -2.84 0.81
CA GLY A 11 -4.43 -3.72 -0.35
C GLY A 11 -4.11 -5.15 0.02
N ILE A 12 -3.41 -5.33 1.15
CA ILE A 12 -3.03 -6.66 1.60
C ILE A 12 -4.16 -7.32 2.39
N LEU A 13 -4.99 -6.49 3.03
CA LEU A 13 -6.11 -6.99 3.81
C LEU A 13 -6.97 -7.95 3.00
N PHE A 1 8.62 8.32 -4.55
CA PHE A 1 8.13 7.36 -3.56
C PHE A 1 7.26 6.30 -4.24
N LEU A 2 6.87 5.29 -3.47
CA LEU A 2 6.04 4.21 -3.99
C LEU A 2 4.63 4.27 -3.41
N PRO A 3 3.64 4.55 -4.28
CA PRO A 3 2.24 4.65 -3.86
C PRO A 3 1.66 3.29 -3.47
N LEU A 4 2.48 2.26 -3.55
CA LEU A 4 2.04 0.91 -3.20
C LEU A 4 2.35 0.60 -1.73
N ILE A 5 3.35 1.28 -1.18
CA ILE A 5 3.75 1.08 0.20
C ILE A 5 2.68 1.59 1.15
N GLY A 6 2.06 2.72 0.79
CA GLY A 6 1.02 3.29 1.63
C GLY A 6 -0.33 2.63 1.43
N ARG A 7 -0.44 1.82 0.38
CA ARG A 7 -1.68 1.13 0.07
C ARG A 7 -1.62 -0.33 0.53
N VAL A 8 -0.42 -0.91 0.50
CA VAL A 8 -0.23 -2.29 0.91
C VAL A 8 -0.91 -2.57 2.24
N LEU A 9 -1.00 -1.54 3.09
CA LEU A 9 -1.62 -1.67 4.40
C LEU A 9 -3.05 -2.20 4.25
N SER A 10 -3.76 -1.72 3.24
CA SER A 10 -5.13 -2.13 2.99
C SER A 10 -5.20 -3.12 1.83
N GLY A 11 -4.28 -2.98 0.89
CA GLY A 11 -4.26 -3.88 -0.25
C GLY A 11 -3.90 -5.30 0.13
N ILE A 12 -3.20 -5.45 1.25
CA ILE A 12 -2.80 -6.78 1.72
C ILE A 12 -3.91 -7.44 2.50
N LEU A 13 -4.76 -6.64 3.14
CA LEU A 13 -5.87 -7.15 3.93
C LEU A 13 -6.71 -8.13 3.11
N PHE A 1 9.11 8.02 -4.43
CA PHE A 1 8.54 7.07 -3.47
C PHE A 1 7.60 6.10 -4.17
N LEU A 2 7.12 5.10 -3.42
CA LEU A 2 6.20 4.11 -3.96
C LEU A 2 4.81 4.27 -3.37
N PRO A 3 3.85 4.63 -4.23
CA PRO A 3 2.46 4.83 -3.82
C PRO A 3 1.76 3.52 -3.46
N LEU A 4 2.51 2.42 -3.55
CA LEU A 4 1.97 1.10 -3.24
C LEU A 4 2.25 0.74 -1.78
N ILE A 5 3.30 1.33 -1.22
CA ILE A 5 3.68 1.06 0.17
C ILE A 5 2.66 1.64 1.13
N GLY A 6 2.12 2.81 0.79
CA GLY A 6 1.13 3.46 1.64
C GLY A 6 -0.26 2.90 1.42
N ARG A 7 -0.42 2.13 0.36
CA ARG A 7 -1.72 1.54 0.04
C ARG A 7 -1.78 0.07 0.47
N VAL A 8 -0.63 -0.60 0.43
CA VAL A 8 -0.54 -1.99 0.80
C VAL A 8 -1.25 -2.25 2.13
N LEU A 9 -1.24 -1.25 3.00
CA LEU A 9 -1.89 -1.35 4.30
C LEU A 9 -3.35 -1.77 4.16
N SER A 10 -4.02 -1.21 3.15
CA SER A 10 -5.42 -1.50 2.90
C SER A 10 -5.57 -2.47 1.71
N GLY A 11 -4.63 -2.38 0.78
CA GLY A 11 -4.67 -3.25 -0.39
C GLY A 11 -4.43 -4.70 -0.04
N ILE A 12 -3.80 -4.94 1.10
CA ILE A 12 -3.51 -6.30 1.55
C ILE A 12 -4.66 -6.87 2.36
N LEU A 13 -5.40 -5.99 3.02
CA LEU A 13 -6.54 -6.40 3.84
C LEU A 13 -7.47 -5.22 4.12
#